data_4IBE
#
_entry.id   4IBE
#
_cell.length_a   51.570
_cell.length_b   65.509
_cell.length_c   72.157
_cell.angle_alpha   90.00
_cell.angle_beta   90.00
_cell.angle_gamma   90.00
#
_symmetry.space_group_name_H-M   'P 21 21 21'
#
loop_
_entity.id
_entity.type
_entity.pdbx_description
1 polymer 'Polymerase cofactor VP35'
2 non-polymer '5-[(2R)-3-benzoyl-2-(4-bromothiophen-2-yl)-4-hydroxy-5-oxo-2,5-dihydro-1H-pyrrol-1-yl]-2-chlorobenzoic acid'
3 non-polymer GLYCEROL
4 water water
#
_entity_poly.entity_id   1
_entity_poly.type   'polypeptide(L)'
_entity_poly.pdbx_seq_one_letter_code
;GHMGKPDISAKDLRNIMYDHLPGFGTAFHQLVQVICKLGKDSNSLDIIHAEFQASLAEGDSPQCALIQITKRVPIFQDAA
PPVIHIRSRGDIPRACQKSLRPVPPSPKIDRGWVCVFQLQDGKTLGLKI
;
_entity_poly.pdbx_strand_id   A,B
#
# COMPACT_ATOMS: atom_id res chain seq x y z
N ASP A 7 13.06 -5.52 -24.46
N ASP A 7 14.07 -4.38 -26.57
CA ASP A 7 12.97 -4.62 -25.60
CA ASP A 7 12.95 -4.65 -25.68
C ASP A 7 12.20 -3.36 -25.21
C ASP A 7 12.19 -3.36 -25.32
N ILE A 8 10.88 -3.46 -25.26
CA ILE A 8 10.02 -2.32 -24.89
C ILE A 8 10.19 -1.98 -23.41
N SER A 9 10.31 -0.68 -23.13
CA SER A 9 10.49 -0.20 -21.76
C SER A 9 9.14 0.18 -21.17
N ALA A 10 9.10 0.38 -19.85
CA ALA A 10 7.88 0.85 -19.20
C ALA A 10 7.41 2.18 -19.81
N LYS A 11 8.35 3.08 -20.08
CA LYS A 11 8.02 4.37 -20.68
C LYS A 11 7.49 4.20 -22.11
N ASP A 12 8.16 3.37 -22.91
CA ASP A 12 7.67 3.06 -24.25
C ASP A 12 6.23 2.53 -24.24
N LEU A 13 5.96 1.59 -23.34
CA LEU A 13 4.62 1.01 -23.23
C LEU A 13 3.59 2.05 -22.81
N ARG A 14 3.98 2.89 -21.86
CA ARG A 14 3.12 3.97 -21.40
C ARG A 14 2.79 4.93 -22.55
N ASN A 15 3.80 5.26 -23.35
CA ASN A 15 3.59 6.10 -24.54
C ASN A 15 2.68 5.46 -25.59
N ILE A 16 2.92 4.19 -25.88
CA ILE A 16 2.08 3.42 -26.80
C ILE A 16 0.62 3.44 -26.36
N MET A 17 0.40 3.15 -25.09
CA MET A 17 -0.96 3.14 -24.55
C MET A 17 -1.60 4.53 -24.55
N TYR A 18 -0.85 5.53 -24.07
CA TYR A 18 -1.33 6.91 -24.08
C TYR A 18 -1.77 7.33 -25.49
N ASP A 19 -1.02 6.88 -26.49
CA ASP A 19 -1.30 7.24 -27.89
CA ASP A 19 -1.29 7.24 -27.88
C ASP A 19 -2.70 6.82 -28.34
N HIS A 20 -3.24 5.81 -27.70
CA HIS A 20 -4.58 5.32 -28.06
C HIS A 20 -5.70 5.92 -27.20
N LEU A 21 -5.36 6.67 -26.16
CA LEU A 21 -6.37 7.18 -25.24
C LEU A 21 -6.81 8.61 -25.59
N PRO A 22 -8.11 8.90 -25.48
CA PRO A 22 -8.58 10.27 -25.64
C PRO A 22 -8.44 11.04 -24.33
N GLY A 23 -8.45 12.38 -24.42
CA GLY A 23 -8.26 13.21 -23.25
C GLY A 23 -6.87 13.06 -22.66
N PHE A 24 -6.67 13.57 -21.44
CA PHE A 24 -5.39 13.44 -20.76
C PHE A 24 -5.54 13.51 -19.24
N GLY A 25 -4.78 12.69 -18.54
CA GLY A 25 -4.87 12.60 -17.09
C GLY A 25 -6.17 11.97 -16.63
N THR A 26 -6.76 11.14 -17.49
CA THR A 26 -7.99 10.45 -17.15
C THR A 26 -7.66 9.23 -16.29
N ALA A 27 -8.68 8.61 -15.71
CA ALA A 27 -8.47 7.41 -14.90
C ALA A 27 -7.79 6.29 -15.70
N PHE A 28 -8.02 6.26 -17.01
CA PHE A 28 -7.38 5.29 -17.89
C PHE A 28 -5.88 5.55 -18.10
N HIS A 29 -5.48 6.81 -18.10
CA HIS A 29 -4.05 7.14 -18.14
C HIS A 29 -3.35 6.65 -16.87
N GLN A 30 -4.02 6.83 -15.75
CA GLN A 30 -3.51 6.37 -14.48
C GLN A 30 -3.44 4.85 -14.44
N LEU A 31 -4.43 4.21 -15.05
CA LEU A 31 -4.41 2.75 -15.14
C LEU A 31 -3.23 2.29 -15.99
N VAL A 32 -2.95 3.01 -17.08
CA VAL A 32 -1.74 2.78 -17.85
C VAL A 32 -0.51 2.86 -16.94
N GLN A 33 -0.46 3.90 -16.12
CA GLN A 33 0.67 4.04 -15.18
C GLN A 33 0.84 2.83 -14.27
N VAL A 34 -0.25 2.41 -13.65
CA VAL A 34 -0.24 1.24 -12.76
C VAL A 34 0.17 -0.05 -13.47
N ILE A 35 -0.42 -0.30 -14.63
CA ILE A 35 -0.11 -1.46 -15.45
C ILE A 35 1.37 -1.48 -15.83
N CYS A 36 1.92 -0.33 -16.20
CA CYS A 36 3.34 -0.26 -16.54
C CYS A 36 4.26 -0.46 -15.33
N LYS A 37 3.91 0.12 -14.19
CA LYS A 37 4.73 -0.03 -12.98
C LYS A 37 4.74 -1.48 -12.51
N LEU A 38 3.55 -2.04 -12.29
CA LEU A 38 3.44 -3.42 -11.81
C LEU A 38 3.98 -4.40 -12.85
N GLY A 39 3.77 -4.07 -14.12
CA GLY A 39 4.30 -4.86 -15.23
C GLY A 39 5.82 -4.89 -15.22
N LYS A 40 6.44 -3.74 -15.02
CA LYS A 40 7.89 -3.67 -14.94
C LYS A 40 8.36 -4.49 -13.76
N ASP A 41 7.73 -4.28 -12.61
CA ASP A 41 8.18 -4.94 -11.38
C ASP A 41 8.08 -6.46 -11.46
N SER A 42 7.25 -6.95 -12.36
CA SER A 42 7.05 -8.38 -12.54
C SER A 42 7.53 -8.87 -13.90
N ASN A 43 8.36 -8.06 -14.57
CA ASN A 43 8.99 -8.45 -15.83
C ASN A 43 7.97 -8.90 -16.87
N SER A 44 6.80 -8.27 -16.85
CA SER A 44 5.68 -8.70 -17.67
C SER A 44 5.29 -7.68 -18.74
N LEU A 45 6.18 -6.76 -19.07
CA LEU A 45 5.83 -5.71 -20.03
C LEU A 45 5.51 -6.27 -21.43
N ASP A 46 6.24 -7.30 -21.83
CA ASP A 46 6.00 -7.92 -23.12
C ASP A 46 4.60 -8.52 -23.25
N ILE A 47 4.23 -9.41 -22.31
CA ILE A 47 2.89 -9.99 -22.38
C ILE A 47 1.79 -8.94 -22.27
N ILE A 48 2.01 -7.91 -21.46
CA ILE A 48 1.03 -6.85 -21.32
C ILE A 48 0.84 -6.10 -22.65
N HIS A 49 1.96 -5.85 -23.34
CA HIS A 49 1.90 -5.15 -24.62
C HIS A 49 1.22 -6.04 -25.67
N ALA A 50 1.51 -7.33 -25.62
CA ALA A 50 0.92 -8.29 -26.56
C ALA A 50 -0.59 -8.38 -26.36
N GLU A 51 -1.03 -8.44 -25.11
CA GLU A 51 -2.45 -8.50 -24.81
C GLU A 51 -3.15 -7.21 -25.23
N PHE A 52 -2.49 -6.08 -24.98
CA PHE A 52 -3.03 -4.79 -25.39
C PHE A 52 -3.26 -4.74 -26.90
N GLN A 53 -2.19 -5.04 -27.63
CA GLN A 53 -2.26 -5.02 -29.08
C GLN A 53 -3.27 -6.02 -29.64
N ALA A 54 -3.35 -7.20 -29.02
CA ALA A 54 -4.26 -8.23 -29.52
C ALA A 54 -5.70 -7.80 -29.28
N SER A 55 -5.93 -7.14 -28.16
CA SER A 55 -7.27 -6.64 -27.86
C SER A 55 -7.66 -5.55 -28.84
N LEU A 56 -6.73 -4.63 -29.13
CA LEU A 56 -7.00 -3.63 -30.17
C LEU A 56 -7.30 -4.27 -31.53
N ALA A 57 -6.55 -5.32 -31.88
CA ALA A 57 -6.66 -5.91 -33.19
C ALA A 57 -7.99 -6.63 -33.40
N GLU A 58 -8.63 -7.00 -32.28
CA GLU A 58 -9.94 -7.64 -32.33
C GLU A 58 -11.08 -6.66 -32.40
N GLY A 59 -10.76 -5.37 -32.22
CA GLY A 59 -11.75 -4.32 -32.34
C GLY A 59 -12.18 -3.72 -31.01
N ASP A 60 -11.54 -4.13 -29.92
CA ASP A 60 -11.87 -3.54 -28.61
C ASP A 60 -11.40 -2.09 -28.55
N SER A 61 -12.17 -1.26 -27.84
CA SER A 61 -11.71 0.07 -27.47
C SER A 61 -10.46 -0.08 -26.61
N PRO A 62 -9.58 0.92 -26.65
CA PRO A 62 -8.34 0.90 -25.85
C PRO A 62 -8.63 0.84 -24.35
N GLN A 63 -9.69 1.52 -23.91
CA GLN A 63 -10.12 1.47 -22.52
C GLN A 63 -10.42 0.00 -22.14
N CYS A 64 -11.25 -0.62 -22.98
N CYS A 64 -11.25 -0.64 -22.97
CA CYS A 64 -11.61 -2.03 -22.80
CA CYS A 64 -11.59 -2.04 -22.77
C CYS A 64 -10.36 -2.91 -22.82
C CYS A 64 -10.37 -2.95 -22.84
N ALA A 65 -9.39 -2.54 -23.65
CA ALA A 65 -8.14 -3.29 -23.74
C ALA A 65 -7.34 -3.24 -22.44
N LEU A 66 -7.31 -2.07 -21.82
CA LEU A 66 -6.63 -1.94 -20.52
C LEU A 66 -7.34 -2.77 -19.44
N ILE A 67 -8.68 -2.67 -19.43
CA ILE A 67 -9.44 -3.49 -18.48
C ILE A 67 -9.17 -5.00 -18.67
N GLN A 68 -9.15 -5.39 -19.95
CA GLN A 68 -8.86 -6.77 -20.35
C GLN A 68 -7.50 -7.20 -19.86
N ILE A 69 -6.52 -6.31 -19.92
CA ILE A 69 -5.22 -6.61 -19.32
C ILE A 69 -5.38 -6.87 -17.82
N THR A 70 -6.17 -6.03 -17.12
CA THR A 70 -6.36 -6.29 -15.69
C THR A 70 -7.01 -7.63 -15.40
N LYS A 71 -7.79 -8.15 -16.35
CA LYS A 71 -8.44 -9.44 -16.12
C LYS A 71 -7.67 -10.67 -16.65
N ARG A 72 -6.74 -10.45 -17.58
CA ARG A 72 -6.08 -11.55 -18.29
C ARG A 72 -4.61 -11.78 -17.95
N VAL A 73 -3.95 -10.75 -17.42
CA VAL A 73 -2.56 -10.92 -17.00
C VAL A 73 -2.58 -11.21 -15.51
N PRO A 74 -2.06 -12.38 -15.12
CA PRO A 74 -2.25 -12.94 -13.77
C PRO A 74 -1.73 -12.07 -12.66
N ILE A 75 -0.74 -11.23 -12.91
CA ILE A 75 -0.25 -10.32 -11.87
C ILE A 75 -1.32 -9.34 -11.36
N PHE A 76 -2.35 -9.10 -12.17
CA PHE A 76 -3.42 -8.21 -11.77
C PHE A 76 -4.62 -8.98 -11.20
N GLN A 77 -4.66 -10.29 -11.43
CA GLN A 77 -5.81 -11.07 -11.03
C GLN A 77 -5.93 -11.16 -9.51
N ASP A 78 -7.05 -10.68 -8.99
CA ASP A 78 -7.31 -10.70 -7.55
C ASP A 78 -6.24 -9.90 -6.79
N ALA A 79 -5.67 -8.89 -7.44
CA ALA A 79 -4.64 -8.07 -6.83
C ALA A 79 -5.19 -6.80 -6.18
N ALA A 80 -4.58 -6.41 -5.06
CA ALA A 80 -4.92 -5.16 -4.41
C ALA A 80 -4.36 -4.02 -5.24
N PRO A 81 -5.03 -2.85 -5.24
CA PRO A 81 -4.47 -1.72 -5.98
C PRO A 81 -3.20 -1.21 -5.32
N PRO A 82 -2.25 -0.72 -6.13
CA PRO A 82 -1.03 -0.17 -5.54
C PRO A 82 -1.33 1.11 -4.76
N VAL A 83 -0.51 1.39 -3.75
CA VAL A 83 -0.63 2.63 -3.00
C VAL A 83 0.36 3.65 -3.55
N ILE A 84 -0.13 4.86 -3.82
CA ILE A 84 0.74 5.90 -4.37
C ILE A 84 0.74 7.12 -3.46
N HIS A 85 1.90 7.43 -2.90
CA HIS A 85 2.00 8.51 -1.93
C HIS A 85 2.15 9.88 -2.61
N ILE A 86 1.26 10.79 -2.26
CA ILE A 86 1.29 12.15 -2.78
C ILE A 86 1.13 13.15 -1.64
N ARG A 87 1.26 14.43 -1.94
CA ARG A 87 1.09 15.46 -0.92
C ARG A 87 -0.39 15.75 -0.74
N SER A 88 -1.07 16.04 -1.85
CA SER A 88 -2.49 16.39 -1.80
C SER A 88 -3.27 15.97 -3.03
N ARG A 89 -4.56 16.29 -3.00
CA ARG A 89 -5.50 16.03 -4.09
C ARG A 89 -5.09 16.78 -5.36
N GLY A 90 -4.40 17.90 -5.18
CA GLY A 90 -3.91 18.69 -6.30
C GLY A 90 -2.85 17.97 -7.12
N ASP A 91 -2.27 16.91 -6.56
CA ASP A 91 -1.25 16.13 -7.26
C ASP A 91 -1.89 15.11 -8.19
N ILE A 92 -3.22 15.02 -8.13
CA ILE A 92 -3.98 14.08 -8.95
C ILE A 92 -4.51 14.84 -10.15
N PRO A 93 -4.39 14.25 -11.35
CA PRO A 93 -4.85 14.91 -12.57
C PRO A 93 -6.31 15.32 -12.48
N ARG A 94 -6.62 16.51 -13.00
CA ARG A 94 -7.96 17.10 -12.97
C ARG A 94 -9.01 16.10 -13.49
N ALA A 95 -8.69 15.42 -14.58
CA ALA A 95 -9.62 14.49 -15.22
C ALA A 95 -9.81 13.21 -14.40
N CYS A 96 -9.05 13.04 -13.32
CA CYS A 96 -9.23 11.91 -12.43
C CYS A 96 -10.09 12.23 -11.22
N GLN A 97 -10.25 13.52 -10.93
CA GLN A 97 -10.85 13.98 -9.67
C GLN A 97 -12.22 13.41 -9.34
N LYS A 98 -13.10 13.34 -10.34
CA LYS A 98 -14.46 12.84 -10.10
C LYS A 98 -14.49 11.32 -10.03
N SER A 99 -13.35 10.69 -10.28
CA SER A 99 -13.24 9.24 -10.19
C SER A 99 -12.67 8.80 -8.84
N LEU A 100 -12.39 9.77 -7.97
CA LEU A 100 -11.85 9.49 -6.63
C LEU A 100 -12.95 9.16 -5.65
N ARG A 101 -12.75 8.13 -4.84
CA ARG A 101 -13.77 7.63 -3.94
C ARG A 101 -13.17 7.23 -2.61
N PRO A 102 -13.99 7.16 -1.56
CA PRO A 102 -13.49 6.52 -0.33
C PRO A 102 -13.06 5.10 -0.67
N VAL A 103 -11.99 4.63 -0.03
CA VAL A 103 -11.50 3.28 -0.26
C VAL A 103 -12.36 2.26 0.48
N PRO A 104 -12.90 1.27 -0.25
CA PRO A 104 -13.71 0.22 0.36
C PRO A 104 -12.81 -0.83 1.00
N PRO A 105 -13.41 -1.81 1.71
CA PRO A 105 -12.62 -2.96 2.13
C PRO A 105 -12.30 -3.84 0.93
N SER A 106 -11.04 -4.26 0.84
CA SER A 106 -10.61 -5.21 -0.19
C SER A 106 -10.80 -4.68 -1.61
N PRO A 107 -10.30 -3.48 -1.93
CA PRO A 107 -10.39 -3.09 -3.34
C PRO A 107 -9.52 -3.98 -4.22
N LYS A 108 -9.95 -4.25 -5.45
CA LYS A 108 -9.20 -5.09 -6.38
C LYS A 108 -9.02 -4.38 -7.71
N ILE A 109 -7.82 -4.49 -8.30
CA ILE A 109 -7.54 -3.84 -9.59
C ILE A 109 -8.47 -4.36 -10.67
N ASP A 110 -8.67 -5.67 -10.70
CA ASP A 110 -9.50 -6.29 -11.72
C ASP A 110 -10.99 -6.08 -11.50
N ARG A 111 -11.34 -5.33 -10.45
CA ARG A 111 -12.72 -4.88 -10.27
C ARG A 111 -12.86 -3.37 -10.42
N GLY A 112 -11.80 -2.73 -10.91
CA GLY A 112 -11.89 -1.32 -11.24
C GLY A 112 -11.13 -0.39 -10.32
N TRP A 113 -10.58 -0.91 -9.23
CA TRP A 113 -9.81 -0.04 -8.35
C TRP A 113 -8.36 0.08 -8.81
N VAL A 114 -8.12 1.14 -9.58
CA VAL A 114 -6.83 1.33 -10.26
C VAL A 114 -5.67 1.52 -9.29
N CYS A 115 -5.85 2.39 -8.30
CA CYS A 115 -4.83 2.59 -7.30
C CYS A 115 -5.45 3.25 -6.08
N VAL A 116 -4.70 3.31 -5.00
CA VAL A 116 -5.07 4.12 -3.85
C VAL A 116 -4.06 5.24 -3.66
N PHE A 117 -4.53 6.48 -3.66
CA PHE A 117 -3.69 7.62 -3.35
C PHE A 117 -3.67 7.87 -1.84
N GLN A 118 -2.48 7.93 -1.27
CA GLN A 118 -2.33 8.27 0.14
C GLN A 118 -1.80 9.68 0.27
N LEU A 119 -2.62 10.54 0.87
CA LEU A 119 -2.24 11.93 1.04
C LEU A 119 -1.42 12.07 2.32
N GLN A 120 -0.66 13.16 2.41
CA GLN A 120 0.27 13.35 3.49
C GLN A 120 -0.38 13.49 4.85
N ASP A 121 -1.60 14.00 4.89
CA ASP A 121 -2.27 14.18 6.16
C ASP A 121 -2.99 12.90 6.58
N GLY A 122 -2.78 11.84 5.81
CA GLY A 122 -3.35 10.55 6.13
C GLY A 122 -4.55 10.17 5.30
N LYS A 123 -5.14 11.14 4.59
CA LYS A 123 -6.32 10.85 3.77
C LYS A 123 -5.99 9.83 2.70
N THR A 124 -6.94 8.96 2.39
CA THR A 124 -6.78 7.98 1.32
C THR A 124 -7.95 8.02 0.36
N LEU A 125 -7.66 7.96 -0.93
CA LEU A 125 -8.69 8.04 -1.96
C LEU A 125 -8.44 6.99 -3.02
N GLY A 126 -9.45 6.18 -3.30
CA GLY A 126 -9.35 5.18 -4.35
C GLY A 126 -9.74 5.77 -5.68
N LEU A 127 -9.03 5.37 -6.74
CA LEU A 127 -9.39 5.77 -8.09
C LEU A 127 -10.18 4.63 -8.73
N LYS A 128 -11.44 4.92 -9.06
CA LYS A 128 -12.36 3.91 -9.55
C LYS A 128 -12.69 4.07 -11.03
N ILE A 129 -12.60 2.96 -11.76
CA ILE A 129 -13.10 2.88 -13.12
C ILE A 129 -14.26 1.90 -13.14
N PRO B 6 -5.10 19.11 26.48
CA PRO B 6 -3.86 18.59 25.88
C PRO B 6 -3.94 17.10 25.60
N ASP B 7 -4.48 16.71 24.46
CA ASP B 7 -4.55 15.29 24.11
C ASP B 7 -3.16 14.75 23.76
N ILE B 8 -2.90 13.50 24.12
CA ILE B 8 -1.64 12.84 23.80
C ILE B 8 -1.49 12.71 22.29
N SER B 9 -0.29 13.04 21.80
CA SER B 9 -0.02 13.03 20.37
C SER B 9 0.60 11.71 19.95
N ALA B 10 0.64 11.47 18.64
CA ALA B 10 1.27 10.27 18.09
C ALA B 10 2.74 10.17 18.54
N LYS B 11 3.42 11.31 18.57
CA LYS B 11 4.81 11.36 19.01
C LYS B 11 4.95 11.02 20.49
N ASP B 12 4.06 11.60 21.30
CA ASP B 12 4.00 11.29 22.74
C ASP B 12 3.81 9.79 22.98
N LEU B 13 2.85 9.20 22.26
CA LEU B 13 2.58 7.77 22.38
C LEU B 13 3.76 6.92 21.91
N ARG B 14 4.35 7.31 20.80
CA ARG B 14 5.53 6.61 20.29
CA ARG B 14 5.54 6.63 20.29
C ARG B 14 6.63 6.60 21.34
N ASN B 15 6.89 7.75 21.95
CA ASN B 15 7.90 7.86 23.01
C ASN B 15 7.56 6.99 24.23
N ILE B 16 6.30 7.04 24.66
CA ILE B 16 5.85 6.20 25.77
C ILE B 16 6.12 4.73 25.49
N MET B 17 5.74 4.27 24.30
CA MET B 17 5.93 2.87 23.91
C MET B 17 7.42 2.51 23.81
N TYR B 18 8.20 3.36 23.15
CA TYR B 18 9.65 3.18 23.03
C TYR B 18 10.30 3.03 24.39
N ASP B 19 9.80 3.79 25.36
CA ASP B 19 10.35 3.74 26.71
C ASP B 19 10.24 2.36 27.35
N HIS B 20 9.28 1.56 26.89
CA HIS B 20 9.11 0.22 27.44
C HIS B 20 9.86 -0.86 26.66
N LEU B 21 10.43 -0.49 25.51
CA LEU B 21 11.08 -1.46 24.63
C LEU B 21 12.59 -1.53 24.85
N PRO B 22 13.15 -2.75 24.84
CA PRO B 22 14.60 -2.86 24.92
C PRO B 22 15.23 -2.69 23.55
N GLY B 23 16.51 -2.32 23.51
CA GLY B 23 17.18 -2.09 22.24
C GLY B 23 16.62 -0.91 21.45
N PHE B 24 16.96 -0.86 20.16
CA PHE B 24 16.50 0.21 19.28
C PHE B 24 16.42 -0.24 17.81
N GLY B 25 15.40 0.24 17.13
CA GLY B 25 15.19 -0.09 15.73
C GLY B 25 14.78 -1.54 15.53
N THR B 26 14.16 -2.12 16.56
CA THR B 26 13.70 -3.52 16.48
C THR B 26 12.35 -3.55 15.76
N ALA B 27 11.91 -4.75 15.38
CA ALA B 27 10.61 -4.88 14.71
C ALA B 27 9.48 -4.31 15.57
N PHE B 28 9.65 -4.35 16.88
CA PHE B 28 8.65 -3.79 17.79
C PHE B 28 8.61 -2.27 17.77
N HIS B 29 9.77 -1.64 17.57
CA HIS B 29 9.82 -0.18 17.40
C HIS B 29 9.07 0.24 16.12
N GLN B 30 9.29 -0.53 15.05
CA GLN B 30 8.59 -0.27 13.79
C GLN B 30 7.09 -0.49 13.95
N LEU B 31 6.74 -1.51 14.74
CA LEU B 31 5.33 -1.74 15.03
C LEU B 31 4.71 -0.58 15.82
N VAL B 32 5.48 -0.02 16.75
CA VAL B 32 5.07 1.22 17.42
C VAL B 32 4.80 2.31 16.38
N GLN B 33 5.72 2.47 15.43
CA GLN B 33 5.55 3.46 14.37
C GLN B 33 4.23 3.28 13.60
N VAL B 34 3.98 2.04 13.19
CA VAL B 34 2.74 1.71 12.47
C VAL B 34 1.48 1.97 13.28
N ILE B 35 1.49 1.50 14.52
CA ILE B 35 0.38 1.70 15.46
C ILE B 35 0.06 3.17 15.68
N CYS B 36 1.08 3.99 15.89
CA CYS B 36 0.86 5.42 16.08
C CYS B 36 0.39 6.12 14.81
N LYS B 37 0.93 5.72 13.67
CA LYS B 37 0.50 6.32 12.39
C LYS B 37 -0.97 6.03 12.08
N LEU B 38 -1.31 4.73 12.07
CA LEU B 38 -2.68 4.33 11.76
C LEU B 38 -3.63 4.82 12.84
N GLY B 39 -3.15 4.83 14.08
CA GLY B 39 -3.91 5.36 15.20
C GLY B 39 -4.25 6.82 15.03
N LYS B 40 -3.25 7.60 14.61
CA LYS B 40 -3.47 9.02 14.37
C LYS B 40 -4.48 9.19 13.26
N ASP B 41 -4.28 8.46 12.17
CA ASP B 41 -5.13 8.61 10.99
C ASP B 41 -6.60 8.25 11.26
N SER B 42 -6.80 7.46 12.31
CA SER B 42 -8.14 7.01 12.69
C SER B 42 -8.58 7.56 14.05
N ASN B 43 -7.88 8.58 14.55
CA ASN B 43 -8.28 9.27 15.78
C ASN B 43 -8.44 8.29 16.95
N SER B 44 -7.61 7.27 16.96
CA SER B 44 -7.74 6.18 17.92
C SER B 44 -6.59 6.11 18.91
N LEU B 45 -5.82 7.18 19.04
CA LEU B 45 -4.64 7.15 19.92
C LEU B 45 -4.98 6.92 21.39
N ASP B 46 -6.10 7.48 21.84
CA ASP B 46 -6.52 7.29 23.21
C ASP B 46 -6.78 5.82 23.53
N ILE B 47 -7.65 5.17 22.75
CA ILE B 47 -7.95 3.76 22.98
C ILE B 47 -6.70 2.88 22.87
N ILE B 48 -5.80 3.23 21.94
CA ILE B 48 -4.57 2.48 21.77
C ILE B 48 -3.70 2.58 23.03
N HIS B 49 -3.61 3.78 23.57
CA HIS B 49 -2.79 3.99 24.75
C HIS B 49 -3.40 3.27 25.96
N ALA B 50 -4.73 3.32 26.03
CA ALA B 50 -5.46 2.66 27.11
C ALA B 50 -5.24 1.15 27.07
N GLU B 51 -5.33 0.57 25.88
CA GLU B 51 -5.12 -0.87 25.71
C GLU B 51 -3.68 -1.25 26.05
N PHE B 52 -2.75 -0.42 25.62
CA PHE B 52 -1.33 -0.64 25.94
C PHE B 52 -1.13 -0.70 27.46
N GLN B 53 -1.60 0.33 28.14
CA GLN B 53 -1.46 0.40 29.59
C GLN B 53 -2.18 -0.73 30.33
N ALA B 54 -3.37 -1.10 29.84
CA ALA B 54 -4.13 -2.15 30.51
C ALA B 54 -3.44 -3.48 30.34
N SER B 55 -2.84 -3.69 29.17
CA SER B 55 -2.09 -4.92 28.94
C SER B 55 -0.85 -4.98 29.84
N LEU B 56 -0.15 -3.85 29.96
CA LEU B 56 0.97 -3.79 30.90
C LEU B 56 0.53 -4.09 32.33
N ALA B 57 -0.63 -3.56 32.71
CA ALA B 57 -1.11 -3.68 34.08
C ALA B 57 -1.53 -5.10 34.46
N GLU B 58 -1.81 -5.92 33.44
CA GLU B 58 -2.16 -7.32 33.67
C GLU B 58 -0.93 -8.21 33.75
N GLY B 59 0.24 -7.67 33.45
CA GLY B 59 1.47 -8.42 33.54
C GLY B 59 2.09 -8.80 32.22
N ASP B 60 1.50 -8.33 31.12
CA ASP B 60 2.05 -8.62 29.78
C ASP B 60 3.39 -7.91 29.56
N SER B 61 4.27 -8.56 28.83
CA SER B 61 5.44 -7.91 28.27
C SER B 61 4.98 -6.78 27.33
N PRO B 62 5.80 -5.75 27.19
CA PRO B 62 5.42 -4.64 26.28
C PRO B 62 5.23 -5.12 24.83
N GLN B 63 6.06 -6.08 24.42
CA GLN B 63 5.95 -6.68 23.09
C GLN B 63 4.55 -7.28 22.90
N CYS B 64 4.16 -8.12 23.86
N CYS B 64 4.16 -8.11 23.87
CA CYS B 64 2.85 -8.74 23.88
CA CYS B 64 2.84 -8.73 23.85
C CYS B 64 1.77 -7.67 23.92
C CYS B 64 1.75 -7.67 23.94
N ALA B 65 2.05 -6.57 24.62
CA ALA B 65 1.09 -5.47 24.71
C ALA B 65 0.82 -4.83 23.34
N LEU B 66 1.88 -4.66 22.56
CA LEU B 66 1.73 -4.13 21.21
C LEU B 66 0.94 -5.10 20.32
N ILE B 67 1.29 -6.38 20.43
CA ILE B 67 0.55 -7.41 19.67
C ILE B 67 -0.95 -7.39 20.01
N GLN B 68 -1.21 -7.27 21.31
CA GLN B 68 -2.55 -7.16 21.86
C GLN B 68 -3.28 -5.96 21.28
N ILE B 69 -2.57 -4.85 21.11
CA ILE B 69 -3.17 -3.70 20.43
C ILE B 69 -3.58 -4.10 19.02
N THR B 70 -2.70 -4.83 18.33
CA THR B 70 -3.08 -5.28 16.97
C THR B 70 -4.30 -6.20 16.96
N LYS B 71 -4.54 -6.89 18.06
CA LYS B 71 -5.68 -7.80 18.13
C LYS B 71 -6.98 -7.20 18.69
N ARG B 72 -6.88 -6.12 19.45
CA ARG B 72 -8.02 -5.57 20.18
C ARG B 72 -8.58 -4.23 19.71
N VAL B 73 -7.77 -3.48 18.97
CA VAL B 73 -8.22 -2.20 18.42
C VAL B 73 -8.68 -2.45 16.99
N PRO B 74 -9.97 -2.16 16.71
CA PRO B 74 -10.65 -2.58 15.49
C PRO B 74 -10.01 -2.09 14.20
N ILE B 75 -9.32 -0.95 14.25
CA ILE B 75 -8.62 -0.47 13.05
C ILE B 75 -7.53 -1.42 12.55
N PHE B 76 -7.00 -2.25 13.44
CA PHE B 76 -5.94 -3.19 13.05
C PHE B 76 -6.50 -4.57 12.70
N GLN B 77 -7.74 -4.84 13.11
CA GLN B 77 -8.30 -6.17 12.94
C GLN B 77 -8.54 -6.51 11.47
N ASP B 78 -7.88 -7.58 11.03
CA ASP B 78 -7.98 -8.04 9.64
CA ASP B 78 -7.96 -8.04 9.64
C ASP B 78 -7.55 -6.94 8.65
N ALA B 79 -6.65 -6.07 9.08
CA ALA B 79 -6.15 -5.00 8.23
C ALA B 79 -4.87 -5.39 7.50
N ALA B 80 -4.73 -4.94 6.26
CA ALA B 80 -3.51 -5.17 5.51
C ALA B 80 -2.44 -4.26 6.11
N PRO B 81 -1.16 -4.69 6.05
CA PRO B 81 -0.13 -3.80 6.57
C PRO B 81 0.04 -2.56 5.70
N PRO B 82 0.38 -1.41 6.31
CA PRO B 82 0.59 -0.21 5.50
C PRO B 82 1.82 -0.38 4.62
N VAL B 83 1.82 0.32 3.49
CA VAL B 83 2.98 0.31 2.60
C VAL B 83 3.84 1.51 2.94
N ILE B 84 5.14 1.28 3.09
CA ILE B 84 6.08 2.36 3.41
C ILE B 84 7.16 2.45 2.35
N HIS B 85 7.16 3.57 1.62
CA HIS B 85 8.08 3.72 0.49
C HIS B 85 9.43 4.19 0.96
N ILE B 86 10.46 3.44 0.59
CA ILE B 86 11.84 3.74 0.94
C ILE B 86 12.72 3.64 -0.30
N ARG B 87 13.99 4.01 -0.15
CA ARG B 87 14.94 3.92 -1.25
C ARG B 87 15.47 2.49 -1.38
N SER B 88 16.03 1.99 -0.29
CA SER B 88 16.63 0.66 -0.25
C SER B 88 16.57 0.07 1.14
N ARG B 89 17.17 -1.10 1.32
CA ARG B 89 17.25 -1.74 2.63
C ARG B 89 18.00 -0.88 3.65
N GLY B 90 18.85 0.01 3.15
CA GLY B 90 19.59 0.90 4.03
C GLY B 90 18.72 1.86 4.82
N ASP B 91 17.48 2.06 4.40
CA ASP B 91 16.56 2.91 5.14
C ASP B 91 15.83 2.17 6.26
N ILE B 92 16.05 0.87 6.34
CA ILE B 92 15.43 0.05 7.38
C ILE B 92 16.43 -0.15 8.51
N PRO B 93 15.98 0.00 9.75
CA PRO B 93 16.84 -0.18 10.92
C PRO B 93 17.52 -1.53 10.97
N ARG B 94 18.78 -1.53 11.40
CA ARG B 94 19.61 -2.73 11.47
C ARG B 94 18.93 -3.90 12.17
N ALA B 95 18.29 -3.61 13.29
CA ALA B 95 17.66 -4.65 14.10
C ALA B 95 16.39 -5.19 13.47
N CYS B 96 15.95 -4.58 12.36
CA CYS B 96 14.78 -5.06 11.62
C CYS B 96 15.16 -5.96 10.44
N GLN B 97 16.42 -5.91 10.02
CA GLN B 97 16.84 -6.56 8.78
C GLN B 97 16.54 -8.06 8.70
N LYS B 98 16.78 -8.79 9.79
CA LYS B 98 16.57 -10.22 9.78
C LYS B 98 15.11 -10.60 9.91
N SER B 99 14.26 -9.58 10.10
CA SER B 99 12.82 -9.79 10.17
C SER B 99 12.12 -9.51 8.84
N LEU B 100 12.90 -9.18 7.82
CA LEU B 100 12.34 -8.89 6.50
C LEU B 100 12.12 -10.17 5.70
N ARG B 101 10.97 -10.28 5.05
CA ARG B 101 10.57 -11.50 4.35
C ARG B 101 9.89 -11.17 3.03
N PRO B 102 9.87 -12.12 2.10
CA PRO B 102 9.03 -11.93 0.91
C PRO B 102 7.59 -11.72 1.36
N VAL B 103 6.86 -10.85 0.67
CA VAL B 103 5.46 -10.58 1.02
C VAL B 103 4.55 -11.70 0.54
N PRO B 104 3.77 -12.29 1.46
CA PRO B 104 2.82 -13.33 1.10
C PRO B 104 1.55 -12.71 0.51
N PRO B 105 0.68 -13.62 0.02
N PRO B 105 0.58 -13.48 -0.05
CA PRO B 105 -0.70 -13.32 -0.27
CA PRO B 105 -0.51 -12.79 -0.79
C PRO B 105 -1.38 -13.17 1.07
C PRO B 105 -1.51 -11.72 -0.15
N SER B 106 -1.96 -12.01 1.06
CA SER B 106 -2.89 -11.38 1.98
C SER B 106 -2.30 -11.16 3.37
N PRO B 107 -1.15 -10.45 3.45
CA PRO B 107 -0.58 -10.21 4.77
C PRO B 107 -1.52 -9.36 5.63
N LYS B 108 -1.54 -9.65 6.93
CA LYS B 108 -2.39 -8.96 7.89
C LYS B 108 -1.59 -8.47 9.09
N ILE B 109 -1.88 -7.25 9.55
CA ILE B 109 -1.16 -6.71 10.71
C ILE B 109 -1.35 -7.61 11.93
N ASP B 110 -2.58 -8.06 12.15
CA ASP B 110 -2.87 -8.88 13.31
C ASP B 110 -2.38 -10.33 13.17
N ARG B 111 -1.69 -10.62 12.07
CA ARG B 111 -1.00 -11.91 11.95
C ARG B 111 0.52 -11.74 11.98
N GLY B 112 0.98 -10.54 12.30
CA GLY B 112 2.40 -10.31 12.48
C GLY B 112 3.06 -9.51 11.38
N TRP B 113 2.31 -9.22 10.33
CA TRP B 113 2.86 -8.41 9.24
C TRP B 113 2.74 -6.92 9.54
N VAL B 114 3.81 -6.38 10.10
CA VAL B 114 3.83 -5.01 10.62
C VAL B 114 3.67 -3.95 9.52
N CYS B 115 4.44 -4.08 8.45
CA CYS B 115 4.32 -3.15 7.34
C CYS B 115 4.92 -3.78 6.11
N VAL B 116 4.70 -3.16 4.96
CA VAL B 116 5.40 -3.57 3.76
C VAL B 116 6.29 -2.42 3.31
N PHE B 117 7.59 -2.69 3.20
CA PHE B 117 8.51 -1.71 2.61
C PHE B 117 8.57 -1.88 1.10
N GLN B 118 8.31 -0.79 0.39
CA GLN B 118 8.46 -0.78 -1.07
C GLN B 118 9.72 0.01 -1.42
N LEU B 119 10.69 -0.69 -2.01
CA LEU B 119 11.94 -0.07 -2.38
C LEU B 119 11.82 0.63 -3.72
N GLN B 120 12.75 1.54 -3.99
CA GLN B 120 12.69 2.39 -5.17
C GLN B 120 12.78 1.58 -6.46
N ASP B 121 13.48 0.44 -6.41
CA ASP B 121 13.64 -0.39 -7.60
C ASP B 121 12.48 -1.37 -7.81
N GLY B 122 11.47 -1.28 -6.95
CA GLY B 122 10.31 -2.13 -7.07
C GLY B 122 10.24 -3.29 -6.09
N LYS B 123 11.35 -3.60 -5.45
CA LYS B 123 11.39 -4.71 -4.49
C LYS B 123 10.45 -4.43 -3.32
N THR B 124 9.80 -5.48 -2.82
CA THR B 124 8.93 -5.35 -1.65
C THR B 124 9.33 -6.38 -0.60
N LEU B 125 9.35 -5.94 0.65
CA LEU B 125 9.73 -6.79 1.79
C LEU B 125 8.76 -6.56 2.93
N GLY B 126 8.20 -7.64 3.45
CA GLY B 126 7.31 -7.56 4.59
C GLY B 126 8.13 -7.62 5.87
N LEU B 127 7.73 -6.85 6.87
CA LEU B 127 8.36 -6.94 8.19
C LEU B 127 7.50 -7.86 9.04
N LYS B 128 8.08 -8.97 9.47
CA LYS B 128 7.33 -9.99 10.17
C LYS B 128 7.73 -10.12 11.63
N ILE B 129 6.72 -10.13 12.51
CA ILE B 129 6.90 -10.48 13.89
C ILE B 129 6.17 -11.80 14.14
#